data_1ITC
#
_entry.id   1ITC
#
_cell.length_a   57.197
_cell.length_b   90.294
_cell.length_c   64.978
_cell.angle_alpha   90.00
_cell.angle_beta   101.74
_cell.angle_gamma   90.00
#
_symmetry.space_group_name_H-M   'P 1 21 1'
#
loop_
_entity.id
_entity.type
_entity.pdbx_description
1 polymer Beta-Amylase
2 branched alpha-D-glucopyranose-(1-4)-alpha-D-glucopyranose-(1-4)-alpha-D-glucopyranose-(1-4)-alpha-D-glucopyranose-(1-4)-alpha-D-glucopyranose
3 branched alpha-D-glucopyranose-(1-4)-alpha-D-glucopyranose-(1-4)-alpha-D-glucopyranose-(1-4)-alpha-D-glucopyranose
4 branched alpha-D-glucopyranose-(1-4)-alpha-D-glucopyranose-(1-4)-alpha-D-glucopyranose
5 branched alpha-D-glucopyranose-(1-4)-alpha-D-glucopyranose
6 non-polymer 'CALCIUM ION'
7 non-polymer 'SULFATE ION'
8 non-polymer 'ACETIC ACID'
9 water water
#
_entity_poly.entity_id   1
_entity_poly.type   'polypeptide(L)'
_entity_poly.pdbx_seq_one_letter_code
;AVNGKGMNPDYKAYLMAPLKKIPEVTNWETFENDLRWAKQNGFYAITVDFWWGDMEKNGDQQFDFSYAQRFAQSVKNAGM
KMIPIISTHQCGGNVGDDCNVPIPSWVWNQKSDDSLYFKSETGTVNKETLNPLASDVIRKEYGELYTAFAAAMKPYKDVI
AKIYLSGGPAGALRYPSYTTSDGTGYPSRGKFQAYTEFAKSKFRLWVLNKYGSLNEVNKAWGTKLISELAILPPSDGEQF
LMNGYLSMYGKDYLEWYQGILENHTKLIGELAHNAFDTTFQVPIGAKIAGVHWQYNNPTIPHGAEKPAGYNDYSHLLDAF
KSAKLDVTFTCLEMTDKGSYPEYSMPKTLVQNIATLANEKGIVLNGENALSIGNEEEYKRVAEMAFNYNFAGFTLLRYQD
VMYNNSLMGKFKDLLGVTPVMQTIVVKNVPTTIGDTVYITGNRAELGSWDTKQYPIQLYYDSHSNDWRGNVVLPAERNIE
FKAFIKSKDGTVKSWQTIQQSWNPVPLKTTSHTSSW
;
_entity_poly.pdbx_strand_id   A
#
loop_
_chem_comp.id
_chem_comp.type
_chem_comp.name
_chem_comp.formula
ACY non-polymer 'ACETIC ACID' 'C2 H4 O2'
CA non-polymer 'CALCIUM ION' 'Ca 2'
GLC D-saccharide, alpha linking alpha-D-glucopyranose 'C6 H12 O6'
SO4 non-polymer 'SULFATE ION' 'O4 S -2'
#
# COMPACT_ATOMS: atom_id res chain seq x y z
N ALA A 1 -5.26 -17.48 -9.46
CA ALA A 1 -5.00 -16.79 -8.15
C ALA A 1 -5.53 -17.63 -7.01
N VAL A 2 -5.47 -17.08 -5.80
CA VAL A 2 -5.96 -17.81 -4.64
C VAL A 2 -7.49 -17.85 -4.71
N ASN A 3 -8.09 -18.83 -4.04
CA ASN A 3 -9.53 -18.96 -4.01
C ASN A 3 -10.12 -19.24 -5.39
N GLY A 4 -9.34 -19.95 -6.22
CA GLY A 4 -9.80 -20.30 -7.55
C GLY A 4 -10.13 -19.15 -8.49
N LYS A 5 -9.71 -17.94 -8.12
CA LYS A 5 -9.96 -16.74 -8.94
C LYS A 5 -8.84 -16.51 -9.95
N GLY A 6 -8.84 -15.30 -10.52
CA GLY A 6 -7.84 -14.91 -11.49
C GLY A 6 -7.37 -13.50 -11.19
N MET A 7 -6.66 -12.88 -12.14
CA MET A 7 -6.15 -11.52 -11.95
C MET A 7 -7.34 -10.55 -11.96
N ASN A 8 -7.17 -9.39 -11.33
CA ASN A 8 -8.22 -8.38 -11.25
C ASN A 8 -8.46 -7.72 -12.60
N PRO A 9 -9.73 -7.63 -13.04
CA PRO A 9 -10.05 -7.01 -14.33
C PRO A 9 -9.71 -5.53 -14.39
N ASP A 10 -9.65 -4.89 -13.23
CA ASP A 10 -9.36 -3.46 -13.15
C ASP A 10 -7.88 -3.10 -13.02
N TYR A 11 -7.03 -4.11 -13.04
CA TYR A 11 -5.60 -3.90 -12.90
C TYR A 11 -5.01 -2.85 -13.83
N LYS A 12 -4.23 -1.95 -13.25
CA LYS A 12 -3.55 -0.90 -13.99
C LYS A 12 -2.11 -0.83 -13.47
N ALA A 13 -1.20 -0.35 -14.31
CA ALA A 13 0.19 -0.20 -13.89
C ALA A 13 0.45 1.30 -13.80
N TYR A 14 1.16 1.71 -12.77
CA TYR A 14 1.46 3.13 -12.55
C TYR A 14 2.97 3.34 -12.40
N LEU A 15 3.42 4.56 -12.66
CA LEU A 15 4.84 4.88 -12.55
C LEU A 15 5.08 6.07 -11.63
N MET A 16 5.95 5.88 -10.64
CA MET A 16 6.29 6.95 -9.72
C MET A 16 7.20 7.98 -10.39
N ALA A 17 6.84 9.25 -10.26
CA ALA A 17 7.66 10.31 -10.84
C ALA A 17 8.90 10.47 -9.95
N PRO A 18 9.87 11.30 -10.38
CA PRO A 18 11.05 11.49 -9.55
C PRO A 18 10.63 12.25 -8.28
N LEU A 19 11.46 12.23 -7.25
CA LEU A 19 11.12 12.95 -6.02
C LEU A 19 11.29 14.46 -6.25
N LYS A 20 12.31 14.83 -7.03
CA LYS A 20 12.58 16.24 -7.34
C LYS A 20 11.69 16.69 -8.49
N LYS A 21 11.57 18.01 -8.66
CA LYS A 21 10.75 18.55 -9.74
C LYS A 21 11.36 18.15 -11.07
N ILE A 22 10.51 17.95 -12.07
CA ILE A 22 10.96 17.54 -13.39
C ILE A 22 12.11 18.41 -13.92
N PRO A 23 12.00 19.74 -13.81
CA PRO A 23 13.04 20.67 -14.29
C PRO A 23 14.43 20.41 -13.70
N GLU A 24 14.50 19.73 -12.56
CA GLU A 24 15.79 19.44 -11.95
C GLU A 24 16.30 18.09 -12.42
N VAL A 25 15.53 17.44 -13.29
CA VAL A 25 15.90 16.12 -13.83
C VAL A 25 16.05 16.14 -15.35
N THR A 26 15.10 16.77 -16.02
CA THR A 26 15.09 16.86 -17.48
C THR A 26 14.21 18.04 -17.90
N ASN A 27 14.06 18.25 -19.20
CA ASN A 27 13.22 19.35 -19.67
C ASN A 27 11.80 18.85 -19.91
N TRP A 28 10.84 19.77 -19.91
CA TRP A 28 9.44 19.41 -20.09
C TRP A 28 9.10 18.71 -21.40
N GLU A 29 9.87 19.01 -22.45
CA GLU A 29 9.64 18.39 -23.75
C GLU A 29 9.97 16.91 -23.68
N THR A 30 11.15 16.60 -23.14
CA THR A 30 11.58 15.22 -23.00
C THR A 30 10.65 14.47 -22.03
N PHE A 31 10.17 15.18 -21.02
CA PHE A 31 9.25 14.58 -20.04
C PHE A 31 7.99 14.08 -20.75
N GLU A 32 7.44 14.91 -21.62
CA GLU A 32 6.24 14.52 -22.34
C GLU A 32 6.51 13.29 -23.22
N ASN A 33 7.70 13.21 -23.79
CA ASN A 33 8.03 12.05 -24.62
C ASN A 33 8.18 10.82 -23.74
N ASP A 34 8.74 11.03 -22.55
CA ASP A 34 8.93 9.95 -21.59
C ASP A 34 7.56 9.37 -21.20
N LEU A 35 6.58 10.25 -21.03
CA LEU A 35 5.23 9.82 -20.67
C LEU A 35 4.59 9.01 -21.79
N ARG A 36 4.78 9.43 -23.04
CA ARG A 36 4.21 8.71 -24.17
C ARG A 36 4.87 7.33 -24.26
N TRP A 37 6.15 7.27 -23.91
CA TRP A 37 6.89 6.02 -23.93
C TRP A 37 6.35 5.13 -22.80
N ALA A 38 6.23 5.68 -21.60
CA ALA A 38 5.70 4.91 -20.47
C ALA A 38 4.34 4.35 -20.86
N LYS A 39 3.50 5.19 -21.44
CA LYS A 39 2.17 4.77 -21.86
C LYS A 39 2.25 3.60 -22.84
N GLN A 40 3.21 3.66 -23.75
CA GLN A 40 3.40 2.62 -24.75
C GLN A 40 3.86 1.30 -24.14
N ASN A 41 4.36 1.38 -22.91
CA ASN A 41 4.83 0.19 -22.21
C ASN A 41 3.85 -0.34 -21.16
N GLY A 42 2.60 0.11 -21.25
CA GLY A 42 1.58 -0.37 -20.34
C GLY A 42 1.28 0.45 -19.09
N PHE A 43 1.91 1.61 -18.95
CA PHE A 43 1.65 2.47 -17.78
C PHE A 43 0.40 3.31 -18.01
N TYR A 44 -0.52 3.27 -17.05
CA TYR A 44 -1.77 4.03 -17.17
C TYR A 44 -1.65 5.48 -16.69
N ALA A 45 -0.83 5.71 -15.67
CA ALA A 45 -0.65 7.03 -15.11
C ALA A 45 0.63 7.14 -14.32
N ILE A 46 0.97 8.38 -13.96
CA ILE A 46 2.16 8.68 -13.18
C ILE A 46 1.77 9.30 -11.84
N THR A 47 2.29 8.75 -10.74
CA THR A 47 2.00 9.28 -9.41
C THR A 47 3.10 10.30 -9.14
N VAL A 48 2.74 11.43 -8.55
CA VAL A 48 3.72 12.47 -8.30
C VAL A 48 3.55 13.21 -6.96
N ASP A 49 4.67 13.41 -6.28
CA ASP A 49 4.69 14.12 -5.01
C ASP A 49 4.61 15.63 -5.21
N PHE A 50 3.63 16.25 -4.58
CA PHE A 50 3.51 17.70 -4.59
C PHE A 50 3.75 18.00 -3.11
N TRP A 51 4.96 18.44 -2.79
CA TRP A 51 5.38 18.70 -1.41
C TRP A 51 4.75 19.93 -0.74
N TRP A 52 4.29 19.73 0.49
CA TRP A 52 3.68 20.80 1.27
C TRP A 52 4.70 21.91 1.44
N GLY A 53 5.97 21.52 1.65
CA GLY A 53 7.03 22.49 1.81
C GLY A 53 7.14 23.38 0.58
N ASP A 54 6.68 22.89 -0.55
CA ASP A 54 6.70 23.65 -1.80
C ASP A 54 5.44 24.46 -2.04
N MET A 55 4.30 23.94 -1.59
CA MET A 55 3.02 24.59 -1.84
C MET A 55 2.54 25.66 -0.85
N GLU A 56 3.07 25.66 0.36
CA GLU A 56 2.66 26.65 1.36
C GLU A 56 3.87 27.04 2.21
N LYS A 57 4.98 27.29 1.52
CA LYS A 57 6.23 27.64 2.18
C LYS A 57 6.28 28.98 2.94
N ASN A 58 6.02 30.09 2.24
CA ASN A 58 6.11 31.43 2.82
C ASN A 58 5.28 31.76 4.07
N GLY A 59 4.20 31.03 4.29
CA GLY A 59 3.39 31.33 5.46
C GLY A 59 2.02 30.67 5.38
N ASP A 60 1.24 30.79 6.45
CA ASP A 60 -0.09 30.19 6.49
C ASP A 60 -0.97 30.80 5.39
N GLN A 61 -1.54 29.93 4.56
CA GLN A 61 -2.44 30.31 3.49
C GLN A 61 -1.78 31.06 2.33
N GLN A 62 -0.44 31.05 2.29
CA GLN A 62 0.29 31.68 1.19
C GLN A 62 0.68 30.51 0.31
N PHE A 63 -0.18 30.20 -0.66
CA PHE A 63 0.01 29.07 -1.55
C PHE A 63 0.72 29.32 -2.88
N ASP A 64 1.33 28.26 -3.38
CA ASP A 64 2.02 28.26 -4.66
C ASP A 64 1.79 26.90 -5.31
N PHE A 65 0.90 26.87 -6.29
CA PHE A 65 0.60 25.64 -6.99
C PHE A 65 1.10 25.71 -8.43
N SER A 66 2.02 26.65 -8.69
CA SER A 66 2.56 26.83 -10.03
C SER A 66 3.26 25.59 -10.59
N TYR A 67 4.04 24.90 -9.75
CA TYR A 67 4.71 23.70 -10.24
C TYR A 67 3.70 22.62 -10.59
N ALA A 68 2.77 22.39 -9.67
CA ALA A 68 1.74 21.37 -9.87
C ALA A 68 1.00 21.66 -11.18
N GLN A 69 0.70 22.93 -11.43
CA GLN A 69 0.00 23.31 -12.64
C GLN A 69 0.84 23.03 -13.89
N ARG A 70 2.14 23.34 -13.83
CA ARG A 70 3.00 23.11 -15.00
C ARG A 70 3.14 21.62 -15.28
N PHE A 71 3.27 20.83 -14.22
CA PHE A 71 3.40 19.37 -14.33
C PHE A 71 2.14 18.84 -15.01
N ALA A 72 0.99 19.29 -14.52
CA ALA A 72 -0.30 18.85 -15.06
C ALA A 72 -0.43 19.21 -16.54
N GLN A 73 0.05 20.39 -16.93
CA GLN A 73 -0.04 20.83 -18.32
C GLN A 73 0.69 19.89 -19.27
N SER A 74 1.89 19.45 -18.87
CA SER A 74 2.66 18.54 -19.72
C SER A 74 2.03 17.16 -19.75
N VAL A 75 1.44 16.73 -18.63
CA VAL A 75 0.76 15.44 -18.59
C VAL A 75 -0.37 15.50 -19.61
N LYS A 76 -1.04 16.64 -19.63
CA LYS A 76 -2.14 16.88 -20.55
C LYS A 76 -1.62 16.83 -21.98
N ASN A 77 -0.51 17.54 -22.23
CA ASN A 77 0.10 17.58 -23.56
C ASN A 77 0.47 16.20 -24.08
N ALA A 78 0.85 15.32 -23.17
CA ALA A 78 1.26 13.97 -23.54
C ALA A 78 0.09 12.99 -23.59
N GLY A 79 -1.12 13.51 -23.40
CA GLY A 79 -2.31 12.66 -23.42
C GLY A 79 -2.25 11.58 -22.37
N MET A 80 -1.65 11.92 -21.22
CA MET A 80 -1.47 10.99 -20.13
C MET A 80 -2.36 11.33 -18.92
N LYS A 81 -2.27 10.50 -17.88
CA LYS A 81 -3.03 10.71 -16.64
C LYS A 81 -2.04 10.79 -15.48
N MET A 82 -2.41 11.50 -14.43
CA MET A 82 -1.55 11.64 -13.27
C MET A 82 -2.32 11.37 -11.97
N ILE A 83 -1.57 11.02 -10.94
CA ILE A 83 -2.14 10.75 -9.63
C ILE A 83 -1.40 11.61 -8.62
N PRO A 84 -1.99 12.75 -8.24
CA PRO A 84 -1.37 13.66 -7.27
C PRO A 84 -1.27 13.06 -5.86
N ILE A 85 -0.15 13.32 -5.19
CA ILE A 85 0.05 12.88 -3.82
C ILE A 85 0.22 14.18 -3.04
N ILE A 86 -0.70 14.46 -2.13
CA ILE A 86 -0.60 15.67 -1.33
C ILE A 86 0.34 15.30 -0.21
N SER A 87 1.63 15.47 -0.47
CA SER A 87 2.67 15.10 0.48
C SER A 87 2.86 16.05 1.63
N THR A 88 2.09 15.79 2.69
CA THR A 88 2.16 16.60 3.90
C THR A 88 3.29 16.10 4.78
N HIS A 89 4.28 15.46 4.17
CA HIS A 89 5.44 14.96 4.91
C HIS A 89 6.72 15.45 4.26
N GLN A 90 7.82 15.37 5.00
CA GLN A 90 9.11 15.83 4.52
C GLN A 90 9.80 14.89 3.53
N CYS A 91 10.41 15.46 2.48
CA CYS A 91 11.18 14.65 1.54
C CYS A 91 12.59 14.71 2.11
N GLY A 92 13.20 13.55 2.29
CA GLY A 92 14.55 13.50 2.82
C GLY A 92 14.66 12.73 4.11
N GLY A 93 15.75 11.98 4.28
CA GLY A 93 15.92 11.21 5.50
C GLY A 93 15.43 9.78 5.44
N ASN A 94 14.55 9.48 4.48
CA ASN A 94 14.02 8.12 4.34
C ASN A 94 14.64 7.42 3.13
N VAL A 95 14.60 6.09 3.15
CA VAL A 95 15.17 5.26 2.09
C VAL A 95 14.84 5.72 0.67
N GLY A 96 15.87 5.86 -0.15
CA GLY A 96 15.69 6.28 -1.53
C GLY A 96 15.53 7.77 -1.74
N ASP A 97 15.27 8.52 -0.67
CA ASP A 97 15.08 9.97 -0.80
C ASP A 97 16.34 10.68 -1.25
N ASP A 98 16.18 11.72 -2.07
CA ASP A 98 17.33 12.47 -2.54
C ASP A 98 17.11 13.99 -2.46
N CYS A 99 15.95 14.41 -1.96
CA CYS A 99 15.68 15.85 -1.79
C CYS A 99 15.68 16.22 -0.33
N ASN A 100 15.36 17.48 -0.08
CA ASN A 100 15.24 17.96 1.28
C ASN A 100 14.18 19.03 1.30
N VAL A 101 12.93 18.58 1.37
CA VAL A 101 11.80 19.49 1.41
C VAL A 101 11.02 19.25 2.69
N PRO A 102 11.40 19.96 3.77
CA PRO A 102 10.73 19.82 5.06
C PRO A 102 9.34 20.44 4.93
N ILE A 103 8.40 20.06 5.81
CA ILE A 103 7.09 20.66 5.73
C ILE A 103 7.30 22.12 6.15
N PRO A 104 6.38 23.03 5.77
CA PRO A 104 6.51 24.45 6.11
C PRO A 104 6.94 24.69 7.55
N SER A 105 8.07 25.38 7.73
CA SER A 105 8.59 25.64 9.06
C SER A 105 7.66 26.44 9.96
N TRP A 106 6.81 27.28 9.38
CA TRP A 106 5.89 28.08 10.19
C TRP A 106 4.87 27.23 10.96
N VAL A 107 4.62 26.01 10.49
CA VAL A 107 3.63 25.18 11.15
C VAL A 107 3.96 24.84 12.60
N TRP A 108 5.25 24.74 12.92
CA TRP A 108 5.68 24.41 14.27
C TRP A 108 5.33 25.48 15.30
N ASN A 109 5.11 26.71 14.83
CA ASN A 109 4.79 27.81 15.72
C ASN A 109 3.31 28.00 16.00
N GLN A 110 2.46 27.13 15.46
CA GLN A 110 1.02 27.22 15.68
C GLN A 110 0.63 26.72 17.08
N LYS A 111 1.62 26.28 17.85
CA LYS A 111 1.42 25.76 19.20
C LYS A 111 2.69 26.00 20.03
N SER A 112 2.51 26.25 21.32
CA SER A 112 3.63 26.50 22.23
C SER A 112 3.96 25.28 23.11
N ASP A 113 3.16 24.23 22.99
CA ASP A 113 3.42 22.99 23.74
C ASP A 113 4.18 22.04 22.82
N ASP A 114 4.13 20.74 23.09
CA ASP A 114 4.84 19.79 22.24
C ASP A 114 3.85 18.85 21.54
N SER A 115 2.62 19.31 21.38
CA SER A 115 1.58 18.52 20.75
C SER A 115 1.79 18.24 19.27
N LEU A 116 2.54 19.12 18.59
CA LEU A 116 2.76 18.98 17.16
C LEU A 116 3.76 17.95 16.65
N TYR A 117 4.82 17.67 17.41
CA TYR A 117 5.82 16.71 16.95
C TYR A 117 5.85 15.38 17.69
N PHE A 118 6.86 14.56 17.39
CA PHE A 118 6.99 13.25 18.01
C PHE A 118 8.23 13.20 18.90
N LYS A 119 8.22 12.31 19.88
CA LYS A 119 9.35 12.10 20.78
C LYS A 119 9.40 10.61 21.12
N SER A 120 10.55 9.99 20.88
CA SER A 120 10.74 8.56 21.12
C SER A 120 11.02 8.14 22.56
N GLU A 121 11.07 6.83 22.76
CA GLU A 121 11.35 6.22 24.05
C GLU A 121 12.60 6.85 24.66
N THR A 122 13.55 7.22 23.81
CA THR A 122 14.79 7.82 24.27
C THR A 122 14.90 9.33 24.12
N GLY A 123 13.78 9.98 23.80
CA GLY A 123 13.78 11.43 23.68
C GLY A 123 14.05 12.04 22.32
N THR A 124 14.22 11.21 21.30
CA THR A 124 14.51 11.71 19.95
C THR A 124 13.29 12.42 19.36
N VAL A 125 13.47 13.68 18.97
CA VAL A 125 12.41 14.49 18.38
C VAL A 125 12.31 14.28 16.88
N ASN A 126 11.09 14.12 16.37
CA ASN A 126 10.88 13.93 14.94
C ASN A 126 9.87 14.96 14.43
N LYS A 127 10.23 15.66 13.36
CA LYS A 127 9.37 16.69 12.77
C LYS A 127 9.14 16.47 11.28
N GLU A 128 9.11 15.20 10.86
CA GLU A 128 8.88 14.87 9.45
C GLU A 128 7.44 15.11 9.06
N THR A 129 6.55 15.07 10.05
CA THR A 129 5.14 15.23 9.78
C THR A 129 4.45 15.65 11.08
N LEU A 130 3.26 16.24 10.98
CA LEU A 130 2.54 16.65 12.18
C LEU A 130 2.04 15.43 12.94
N ASN A 131 2.11 15.48 14.27
CA ASN A 131 1.65 14.38 15.11
C ASN A 131 0.13 14.26 14.96
N PRO A 132 -0.36 13.09 14.53
CA PRO A 132 -1.80 12.88 14.35
C PRO A 132 -2.67 13.16 15.58
N LEU A 133 -2.07 13.18 16.77
CA LEU A 133 -2.83 13.48 17.99
C LEU A 133 -3.38 14.90 17.96
N ALA A 134 -2.68 15.78 17.25
CA ALA A 134 -3.09 17.18 17.15
C ALA A 134 -4.11 17.34 16.01
N SER A 135 -5.24 16.65 16.16
CA SER A 135 -6.29 16.66 15.15
C SER A 135 -6.89 18.03 14.82
N ASP A 136 -6.82 18.97 15.77
CA ASP A 136 -7.35 20.29 15.52
C ASP A 136 -6.50 21.03 14.48
N VAL A 137 -5.19 20.97 14.62
CA VAL A 137 -4.30 21.61 13.67
C VAL A 137 -4.37 20.92 12.30
N ILE A 138 -4.40 19.59 12.33
CA ILE A 138 -4.49 18.81 11.10
C ILE A 138 -5.75 19.16 10.34
N ARG A 139 -6.89 19.17 11.03
CA ARG A 139 -8.17 19.49 10.41
C ARG A 139 -8.10 20.82 9.69
N LYS A 140 -7.55 21.83 10.36
CA LYS A 140 -7.43 23.15 9.78
C LYS A 140 -6.42 23.22 8.63
N GLU A 141 -5.19 22.80 8.90
CA GLU A 141 -4.12 22.87 7.91
C GLU A 141 -4.34 21.99 6.68
N TYR A 142 -4.66 20.72 6.89
CA TYR A 142 -4.91 19.80 5.78
C TYR A 142 -6.15 20.24 5.03
N GLY A 143 -7.19 20.61 5.79
CA GLY A 143 -8.42 21.05 5.17
C GLY A 143 -8.20 22.24 4.25
N GLU A 144 -7.43 23.22 4.73
CA GLU A 144 -7.14 24.42 3.96
C GLU A 144 -6.27 24.10 2.74
N LEU A 145 -5.28 23.24 2.92
CA LEU A 145 -4.40 22.86 1.83
C LEU A 145 -5.15 22.11 0.73
N TYR A 146 -5.92 21.11 1.13
CA TYR A 146 -6.70 20.30 0.18
C TYR A 146 -7.66 21.17 -0.63
N THR A 147 -8.37 22.06 0.06
CA THR A 147 -9.33 22.95 -0.59
C THR A 147 -8.67 23.87 -1.60
N ALA A 148 -7.55 24.47 -1.22
CA ALA A 148 -6.81 25.38 -2.09
C ALA A 148 -6.27 24.65 -3.30
N PHE A 149 -5.83 23.41 -3.09
CA PHE A 149 -5.28 22.59 -4.16
C PHE A 149 -6.36 22.33 -5.19
N ALA A 150 -7.53 21.95 -4.71
CA ALA A 150 -8.67 21.64 -5.56
C ALA A 150 -9.05 22.81 -6.47
N ALA A 151 -9.08 24.01 -5.93
CA ALA A 151 -9.45 25.20 -6.69
C ALA A 151 -8.40 25.53 -7.75
N ALA A 152 -7.13 25.42 -7.37
CA ALA A 152 -6.04 25.72 -8.29
C ALA A 152 -5.87 24.68 -9.38
N MET A 153 -6.22 23.43 -9.09
CA MET A 153 -6.07 22.36 -10.06
C MET A 153 -7.34 21.93 -10.77
N LYS A 154 -8.44 22.63 -10.51
CA LYS A 154 -9.72 22.32 -11.12
C LYS A 154 -9.64 22.20 -12.65
N PRO A 155 -8.88 23.11 -13.31
CA PRO A 155 -8.74 23.07 -14.77
C PRO A 155 -8.13 21.77 -15.28
N TYR A 156 -7.43 21.04 -14.41
CA TYR A 156 -6.79 19.80 -14.81
C TYR A 156 -7.54 18.55 -14.38
N LYS A 157 -8.82 18.74 -14.08
CA LYS A 157 -9.71 17.66 -13.68
C LYS A 157 -9.59 16.48 -14.62
N ASP A 158 -9.57 16.77 -15.91
CA ASP A 158 -9.50 15.77 -16.96
C ASP A 158 -8.30 14.82 -16.96
N VAL A 159 -7.18 15.22 -16.37
CA VAL A 159 -6.01 14.35 -16.35
C VAL A 159 -5.70 13.73 -15.00
N ILE A 160 -6.52 14.04 -13.99
CA ILE A 160 -6.31 13.49 -12.66
C ILE A 160 -7.16 12.22 -12.51
N ALA A 161 -6.49 11.08 -12.41
CA ALA A 161 -7.17 9.79 -12.31
C ALA A 161 -7.52 9.38 -10.89
N LYS A 162 -6.72 9.86 -9.94
CA LYS A 162 -6.89 9.50 -8.54
C LYS A 162 -6.06 10.43 -7.68
N ILE A 163 -6.39 10.51 -6.38
CA ILE A 163 -5.64 11.36 -5.47
C ILE A 163 -5.16 10.59 -4.25
N TYR A 164 -3.87 10.73 -3.95
CA TYR A 164 -3.25 10.06 -2.81
C TYR A 164 -3.05 11.04 -1.65
N LEU A 165 -3.27 10.55 -0.43
CA LEU A 165 -3.09 11.37 0.76
C LEU A 165 -1.86 10.84 1.51
N SER A 166 -1.26 11.70 2.32
CA SER A 166 -0.10 11.31 3.12
C SER A 166 -0.53 11.20 4.56
N GLY A 167 -0.52 9.99 5.10
CA GLY A 167 -0.93 9.79 6.47
C GLY A 167 0.20 9.81 7.50
N GLY A 168 1.42 10.09 7.05
CA GLY A 168 2.55 10.13 7.95
C GLY A 168 3.87 10.18 7.20
N PRO A 169 4.99 9.83 7.87
CA PRO A 169 6.32 9.84 7.26
C PRO A 169 6.46 8.99 6.00
N ALA A 170 7.22 9.50 5.04
CA ALA A 170 7.43 8.81 3.76
C ALA A 170 6.10 8.48 3.09
N GLY A 171 5.11 9.34 3.30
CA GLY A 171 3.80 9.17 2.71
C GLY A 171 2.92 8.03 3.19
N ALA A 172 3.27 7.42 4.33
CA ALA A 172 2.45 6.31 4.82
C ALA A 172 1.86 6.56 6.21
N LEU A 173 0.71 5.94 6.46
CA LEU A 173 0.05 6.06 7.76
C LEU A 173 0.87 5.28 8.78
N ARG A 174 1.67 5.97 9.57
CA ARG A 174 2.50 5.31 10.58
C ARG A 174 3.25 6.33 11.43
N TYR A 175 3.99 5.82 12.41
CA TYR A 175 4.81 6.65 13.29
C TYR A 175 6.25 6.58 12.77
N PRO A 176 7.06 7.62 13.01
CA PRO A 176 8.46 7.63 12.56
C PRO A 176 9.29 6.80 13.55
N SER A 177 9.00 5.50 13.59
CA SER A 177 9.65 4.58 14.50
C SER A 177 10.99 4.00 14.03
N TYR A 178 11.31 4.16 12.76
CA TYR A 178 12.60 3.67 12.27
C TYR A 178 13.40 4.77 11.59
N THR A 179 14.26 5.41 12.38
CA THR A 179 15.10 6.51 11.91
C THR A 179 16.55 6.38 12.40
N THR A 180 17.46 6.94 11.64
CA THR A 180 18.90 6.91 11.94
C THR A 180 19.23 7.61 13.26
N SER A 181 18.67 8.81 13.43
CA SER A 181 18.90 9.60 14.64
C SER A 181 18.39 8.93 15.91
N ASP A 182 17.37 8.10 15.78
CA ASP A 182 16.79 7.40 16.92
C ASP A 182 17.41 6.01 17.04
N GLY A 183 18.42 5.74 16.21
CA GLY A 183 19.10 4.45 16.25
C GLY A 183 18.15 3.29 16.01
N THR A 184 17.10 3.53 15.24
CA THR A 184 16.10 2.52 14.96
C THR A 184 15.96 2.20 13.48
N GLY A 185 17.00 2.51 12.71
CA GLY A 185 16.96 2.24 11.30
C GLY A 185 17.01 0.75 11.04
N TYR A 186 16.51 0.32 9.89
CA TYR A 186 16.51 -1.09 9.52
C TYR A 186 17.88 -1.71 9.78
N PRO A 187 17.91 -2.95 10.30
CA PRO A 187 16.76 -3.79 10.66
C PRO A 187 16.52 -3.87 12.17
N SER A 188 16.74 -2.76 12.86
CA SER A 188 16.56 -2.72 14.31
C SER A 188 15.10 -2.71 14.73
N ARG A 189 14.86 -2.99 16.00
CA ARG A 189 13.50 -2.94 16.51
C ARG A 189 13.12 -1.47 16.47
N GLY A 190 11.83 -1.17 16.35
CA GLY A 190 11.44 0.22 16.34
C GLY A 190 11.26 0.73 17.76
N LYS A 191 11.20 2.04 17.91
CA LYS A 191 10.98 2.64 19.23
C LYS A 191 9.60 3.31 19.19
N PHE A 192 8.81 3.16 20.24
CA PHE A 192 7.50 3.80 20.25
C PHE A 192 7.73 5.31 20.21
N GLN A 193 6.80 6.02 19.59
CA GLN A 193 6.89 7.46 19.43
C GLN A 193 5.77 8.18 20.19
N ALA A 194 5.61 7.88 21.46
CA ALA A 194 4.54 8.49 22.25
C ALA A 194 5.05 9.07 23.57
N TYR A 195 6.17 9.77 23.53
CA TYR A 195 6.73 10.31 24.77
C TYR A 195 6.77 11.84 24.96
N THR A 196 6.02 12.56 24.14
CA THR A 196 5.93 14.01 24.33
C THR A 196 4.97 14.10 25.52
N GLU A 197 4.93 15.25 26.17
CA GLU A 197 4.03 15.40 27.31
C GLU A 197 2.57 15.34 26.86
N PHE A 198 2.30 15.88 25.67
CA PHE A 198 0.96 15.86 25.12
C PHE A 198 0.50 14.41 24.92
N ALA A 199 1.35 13.58 24.32
CA ALA A 199 1.02 12.16 24.08
C ALA A 199 0.75 11.40 25.37
N LYS A 200 1.60 11.60 26.38
CA LYS A 200 1.39 10.92 27.65
C LYS A 200 0.10 11.39 28.30
N SER A 201 -0.18 12.68 28.21
CA SER A 201 -1.39 13.23 28.78
C SER A 201 -2.60 12.61 28.08
N LYS A 202 -2.52 12.50 26.76
CA LYS A 202 -3.60 11.93 25.96
C LYS A 202 -3.86 10.46 26.27
N PHE A 203 -2.81 9.67 26.43
CA PHE A 203 -2.99 8.26 26.75
C PHE A 203 -3.66 8.12 28.12
N ARG A 204 -3.22 8.96 29.06
CA ARG A 204 -3.74 8.97 30.42
C ARG A 204 -5.25 9.30 30.40
N LEU A 205 -5.63 10.33 29.67
CA LEU A 205 -7.02 10.73 29.57
C LEU A 205 -7.87 9.64 28.90
N TRP A 206 -7.32 9.01 27.86
CA TRP A 206 -8.02 7.94 27.15
C TRP A 206 -8.29 6.74 28.08
N VAL A 207 -7.29 6.38 28.86
CA VAL A 207 -7.44 5.26 29.79
C VAL A 207 -8.50 5.57 30.85
N LEU A 208 -8.43 6.76 31.42
CA LEU A 208 -9.39 7.15 32.45
C LEU A 208 -10.79 7.28 31.86
N ASN A 209 -10.88 7.61 30.58
CA ASN A 209 -12.17 7.71 29.93
C ASN A 209 -12.76 6.31 29.80
N LYS A 210 -11.89 5.34 29.52
CA LYS A 210 -12.34 3.96 29.36
C LYS A 210 -12.81 3.30 30.65
N TYR A 211 -12.06 3.47 31.73
CA TYR A 211 -12.40 2.85 33.01
C TYR A 211 -13.02 3.75 34.09
N GLY A 212 -13.03 5.06 33.86
CA GLY A 212 -13.61 5.97 34.83
C GLY A 212 -12.68 6.47 35.93
N SER A 213 -12.13 5.54 36.72
CA SER A 213 -11.22 5.89 37.81
C SER A 213 -9.97 5.02 37.83
N LEU A 214 -8.94 5.50 38.53
CA LEU A 214 -7.67 4.78 38.65
C LEU A 214 -7.91 3.40 39.27
N ASN A 215 -8.82 3.32 40.23
CA ASN A 215 -9.09 2.04 40.87
C ASN A 215 -9.66 1.02 39.88
N GLU A 216 -10.46 1.51 38.94
CA GLU A 216 -11.03 0.62 37.94
C GLU A 216 -9.93 0.23 36.95
N VAL A 217 -9.02 1.16 36.69
CA VAL A 217 -7.90 0.88 35.78
C VAL A 217 -7.08 -0.27 36.38
N ASN A 218 -6.76 -0.15 37.66
CA ASN A 218 -5.98 -1.19 38.32
C ASN A 218 -6.65 -2.55 38.26
N LYS A 219 -7.96 -2.57 38.46
CA LYS A 219 -8.72 -3.82 38.44
C LYS A 219 -8.69 -4.46 37.05
N ALA A 220 -8.83 -3.64 36.01
CA ALA A 220 -8.83 -4.13 34.65
C ALA A 220 -7.45 -4.62 34.21
N TRP A 221 -6.41 -3.94 34.70
CA TRP A 221 -5.04 -4.29 34.35
C TRP A 221 -4.36 -5.25 35.31
N GLY A 222 -4.99 -5.47 36.47
CA GLY A 222 -4.40 -6.36 37.46
C GLY A 222 -3.16 -5.73 38.06
N THR A 223 -3.10 -4.40 38.02
CA THR A 223 -1.96 -3.65 38.55
C THR A 223 -2.25 -2.95 39.88
N LYS A 224 -1.22 -2.25 40.37
CA LYS A 224 -1.30 -1.49 41.62
C LYS A 224 -0.69 -0.10 41.46
N LEU A 225 -1.11 0.61 40.42
CA LEU A 225 -0.62 1.95 40.16
C LEU A 225 -1.00 2.82 41.35
N ILE A 226 -0.07 3.66 41.83
CA ILE A 226 -0.37 4.50 42.99
C ILE A 226 -1.08 5.80 42.69
N SER A 227 -1.00 6.27 41.45
CA SER A 227 -1.68 7.50 41.09
C SER A 227 -1.90 7.56 39.59
N GLU A 228 -2.71 8.51 39.16
CA GLU A 228 -3.02 8.68 37.75
C GLU A 228 -1.76 8.98 36.91
N LEU A 229 -0.75 9.57 37.55
CA LEU A 229 0.48 9.89 36.83
C LEU A 229 1.31 8.64 36.53
N ALA A 230 0.96 7.52 37.15
CA ALA A 230 1.68 6.27 36.90
C ALA A 230 1.15 5.61 35.63
N ILE A 231 0.06 6.14 35.10
CA ILE A 231 -0.51 5.63 33.86
C ILE A 231 0.34 6.27 32.78
N LEU A 232 1.23 5.47 32.19
CA LEU A 232 2.16 5.96 31.17
C LEU A 232 2.42 4.94 30.08
N PRO A 233 3.04 5.38 28.97
CA PRO A 233 3.36 4.47 27.87
C PRO A 233 4.53 3.61 28.39
N PRO A 234 4.91 2.56 27.65
CA PRO A 234 6.02 1.70 28.10
C PRO A 234 7.31 2.44 28.44
N SER A 235 7.84 2.22 29.65
CA SER A 235 9.07 2.87 30.08
C SER A 235 10.29 2.10 29.58
N ASP A 236 10.07 0.86 29.15
CA ASP A 236 11.13 0.00 28.62
C ASP A 236 10.57 -0.67 27.36
N GLY A 237 10.90 -0.10 26.20
CA GLY A 237 10.40 -0.61 24.94
C GLY A 237 10.68 -2.08 24.71
N GLU A 238 11.90 -2.49 25.00
CA GLU A 238 12.31 -3.88 24.84
C GLU A 238 11.46 -4.83 25.68
N GLN A 239 11.30 -4.54 26.96
CA GLN A 239 10.49 -5.41 27.82
C GLN A 239 9.04 -5.47 27.36
N PHE A 240 8.49 -4.33 26.96
CA PHE A 240 7.11 -4.31 26.50
C PHE A 240 6.95 -5.23 25.29
N LEU A 241 7.91 -5.17 24.37
CA LEU A 241 7.88 -6.00 23.17
C LEU A 241 8.14 -7.48 23.47
N MET A 242 8.81 -7.75 24.58
CA MET A 242 9.11 -9.13 24.98
C MET A 242 7.91 -9.83 25.62
N ASN A 243 7.21 -9.13 26.50
CA ASN A 243 6.07 -9.73 27.21
C ASN A 243 4.99 -8.75 27.63
N GLY A 244 5.34 -7.48 27.76
CA GLY A 244 4.35 -6.50 28.19
C GLY A 244 3.11 -6.40 27.32
N TYR A 245 3.30 -6.58 26.01
CA TYR A 245 2.20 -6.50 25.07
C TYR A 245 1.11 -7.54 25.29
N LEU A 246 1.46 -8.66 25.93
CA LEU A 246 0.51 -9.74 26.17
C LEU A 246 -0.55 -9.47 27.23
N SER A 247 -0.29 -8.50 28.10
CA SER A 247 -1.21 -8.17 29.19
C SER A 247 -2.37 -7.25 28.78
N MET A 248 -3.31 -7.06 29.70
CA MET A 248 -4.44 -6.19 29.43
C MET A 248 -3.93 -4.76 29.25
N TYR A 249 -2.92 -4.39 30.03
CA TYR A 249 -2.34 -3.05 29.90
C TYR A 249 -1.76 -2.91 28.49
N GLY A 250 -0.99 -3.92 28.08
CA GLY A 250 -0.37 -3.92 26.78
C GLY A 250 -1.39 -3.83 25.66
N LYS A 251 -2.48 -4.58 25.78
CA LYS A 251 -3.52 -4.56 24.78
C LYS A 251 -4.14 -3.16 24.72
N ASP A 252 -4.40 -2.55 25.88
CA ASP A 252 -4.97 -1.20 25.91
C ASP A 252 -4.03 -0.16 25.32
N TYR A 253 -2.75 -0.22 25.67
CA TYR A 253 -1.78 0.75 25.15
C TYR A 253 -1.73 0.70 23.63
N LEU A 254 -1.64 -0.50 23.08
CA LEU A 254 -1.59 -0.69 21.64
C LEU A 254 -2.90 -0.29 20.97
N GLU A 255 -4.02 -0.53 21.65
CA GLU A 255 -5.32 -0.14 21.10
C GLU A 255 -5.32 1.38 20.91
N TRP A 256 -4.87 2.11 21.93
CA TRP A 256 -4.80 3.56 21.89
C TRP A 256 -3.81 4.02 20.81
N TYR A 257 -2.62 3.42 20.84
CA TYR A 257 -1.53 3.76 19.91
C TYR A 257 -1.96 3.62 18.45
N GLN A 258 -2.47 2.44 18.07
CA GLN A 258 -2.91 2.23 16.70
C GLN A 258 -4.18 3.03 16.44
N GLY A 259 -5.00 3.17 17.48
CA GLY A 259 -6.24 3.91 17.37
C GLY A 259 -6.07 5.33 16.87
N ILE A 260 -4.95 5.96 17.24
CA ILE A 260 -4.64 7.32 16.81
C ILE A 260 -4.52 7.36 15.28
N LEU A 261 -3.87 6.36 14.72
CA LEU A 261 -3.70 6.29 13.27
C LEU A 261 -5.05 6.03 12.60
N GLU A 262 -5.88 5.21 13.24
CA GLU A 262 -7.19 4.91 12.70
C GLU A 262 -8.05 6.16 12.67
N ASN A 263 -8.00 6.94 13.74
CA ASN A 263 -8.78 8.18 13.78
C ASN A 263 -8.25 9.17 12.74
N HIS A 264 -6.92 9.22 12.60
CA HIS A 264 -6.27 10.09 11.65
C HIS A 264 -6.74 9.74 10.23
N THR A 265 -6.88 8.44 9.97
CA THR A 265 -7.33 7.94 8.67
C THR A 265 -8.72 8.46 8.36
N LYS A 266 -9.61 8.38 9.35
CA LYS A 266 -10.97 8.85 9.16
C LYS A 266 -11.02 10.37 8.99
N LEU A 267 -10.11 11.07 9.64
CA LEU A 267 -10.09 12.52 9.55
C LEU A 267 -9.60 13.01 8.18
N ILE A 268 -8.45 12.55 7.73
CA ILE A 268 -7.94 13.00 6.44
C ILE A 268 -8.84 12.53 5.29
N GLY A 269 -9.47 11.37 5.46
CA GLY A 269 -10.38 10.87 4.44
C GLY A 269 -11.57 11.81 4.30
N GLU A 270 -12.14 12.22 5.43
CA GLU A 270 -13.29 13.14 5.43
C GLU A 270 -12.93 14.47 4.76
N LEU A 271 -11.78 15.03 5.15
CA LEU A 271 -11.31 16.30 4.60
C LEU A 271 -11.07 16.20 3.09
N ALA A 272 -10.44 15.11 2.68
CA ALA A 272 -10.13 14.88 1.27
C ALA A 272 -11.40 14.80 0.42
N HIS A 273 -12.33 13.94 0.83
CA HIS A 273 -13.58 13.78 0.09
C HIS A 273 -14.34 15.11 0.00
N ASN A 274 -14.38 15.86 1.09
CA ASN A 274 -15.08 17.14 1.10
C ASN A 274 -14.43 18.10 0.09
N ALA A 275 -13.11 18.09 0.05
CA ALA A 275 -12.37 18.97 -0.84
C ALA A 275 -12.33 18.52 -2.29
N PHE A 276 -12.28 17.23 -2.53
CA PHE A 276 -12.16 16.73 -3.90
C PHE A 276 -13.36 16.09 -4.58
N ASP A 277 -14.27 15.48 -3.82
CA ASP A 277 -15.39 14.79 -4.44
C ASP A 277 -16.18 15.55 -5.50
N THR A 278 -16.56 16.80 -5.23
CA THR A 278 -17.32 17.56 -6.22
C THR A 278 -16.48 18.04 -7.40
N THR A 279 -15.29 18.53 -7.11
CA THR A 279 -14.41 19.03 -8.16
C THR A 279 -13.83 17.95 -9.08
N PHE A 280 -13.39 16.83 -8.50
CA PHE A 280 -12.78 15.76 -9.27
C PHE A 280 -13.56 14.47 -9.41
N GLN A 281 -14.21 14.04 -8.33
CA GLN A 281 -14.99 12.81 -8.37
C GLN A 281 -14.14 11.62 -8.80
N VAL A 282 -12.99 11.47 -8.15
CA VAL A 282 -12.07 10.38 -8.43
C VAL A 282 -11.77 9.63 -7.13
N PRO A 283 -11.25 8.40 -7.22
CA PRO A 283 -10.96 7.67 -5.99
C PRO A 283 -9.83 8.34 -5.19
N ILE A 284 -9.86 8.12 -3.88
CA ILE A 284 -8.85 8.67 -2.98
C ILE A 284 -8.24 7.51 -2.18
N GLY A 285 -6.93 7.56 -1.95
CA GLY A 285 -6.28 6.48 -1.22
C GLY A 285 -5.18 6.95 -0.29
N ALA A 286 -4.71 6.03 0.54
CA ALA A 286 -3.63 6.31 1.49
C ALA A 286 -2.71 5.10 1.50
N LYS A 287 -1.51 5.26 2.06
CA LYS A 287 -0.55 4.17 2.07
C LYS A 287 -0.20 3.58 3.42
N ILE A 288 0.15 2.29 3.40
CA ILE A 288 0.58 1.57 4.60
C ILE A 288 1.97 1.04 4.26
N ALA A 289 2.93 1.26 5.15
CA ALA A 289 4.29 0.83 4.94
C ALA A 289 4.49 -0.66 5.22
N GLY A 290 5.44 -1.27 4.52
CA GLY A 290 5.73 -2.67 4.72
C GLY A 290 6.87 -2.84 5.71
N VAL A 291 6.52 -2.91 6.99
CA VAL A 291 7.52 -3.08 8.05
C VAL A 291 7.72 -4.58 8.23
N HIS A 292 8.51 -5.17 7.33
CA HIS A 292 8.75 -6.61 7.33
C HIS A 292 9.83 -7.16 8.25
N TRP A 293 10.68 -6.31 8.81
CA TRP A 293 11.73 -6.80 9.70
C TRP A 293 11.24 -7.02 11.14
N GLN A 294 11.92 -7.95 11.83
CA GLN A 294 11.59 -8.36 13.20
C GLN A 294 10.19 -8.97 13.27
N TYR A 295 9.69 -9.42 12.12
CA TYR A 295 8.38 -10.02 12.01
C TYR A 295 8.25 -11.28 12.86
N ASN A 296 9.20 -12.21 12.68
CA ASN A 296 9.19 -13.46 13.43
C ASN A 296 10.31 -13.59 14.46
N ASN A 297 10.75 -12.47 15.02
CA ASN A 297 11.78 -12.49 16.05
C ASN A 297 11.12 -13.11 17.29
N PRO A 298 11.66 -14.23 17.79
CA PRO A 298 11.09 -14.89 18.98
C PRO A 298 11.15 -14.07 20.27
N THR A 299 12.22 -13.28 20.42
CA THR A 299 12.39 -12.46 21.60
C THR A 299 11.48 -11.22 21.61
N ILE A 300 11.30 -10.60 20.45
CA ILE A 300 10.44 -9.42 20.34
C ILE A 300 9.54 -9.52 19.10
N PRO A 301 8.50 -10.36 19.17
CA PRO A 301 7.55 -10.57 18.06
C PRO A 301 7.07 -9.28 17.41
N HIS A 302 7.19 -9.20 16.09
CA HIS A 302 6.77 -8.03 15.32
C HIS A 302 7.33 -6.75 15.96
N GLY A 303 8.60 -6.84 16.36
CA GLY A 303 9.29 -5.76 17.03
C GLY A 303 9.50 -4.45 16.30
N ALA A 304 9.16 -4.41 15.02
CA ALA A 304 9.32 -3.18 14.24
C ALA A 304 7.94 -2.62 13.87
N GLU A 305 7.01 -3.53 13.55
CA GLU A 305 5.65 -3.15 13.18
C GLU A 305 4.89 -2.45 14.32
N LYS A 306 4.87 -3.06 15.50
CA LYS A 306 4.14 -2.47 16.62
C LYS A 306 4.54 -1.02 16.90
N PRO A 307 5.85 -0.74 17.04
CA PRO A 307 6.27 0.64 17.31
C PRO A 307 5.87 1.58 16.16
N ALA A 308 5.74 1.01 14.96
CA ALA A 308 5.35 1.79 13.79
C ALA A 308 3.86 2.08 13.82
N GLY A 309 3.15 1.39 14.72
CA GLY A 309 1.72 1.58 14.86
C GLY A 309 0.89 0.42 14.34
N TYR A 310 1.55 -0.62 13.84
CA TYR A 310 0.84 -1.77 13.29
C TYR A 310 0.73 -2.95 14.26
N ASN A 311 -0.42 -3.07 14.90
CA ASN A 311 -0.66 -4.15 15.85
C ASN A 311 -1.75 -5.10 15.37
N ASP A 312 -2.79 -4.55 14.77
CA ASP A 312 -3.91 -5.35 14.27
C ASP A 312 -4.29 -4.86 12.87
N TYR A 313 -3.73 -5.50 11.85
CA TYR A 313 -3.99 -5.11 10.46
C TYR A 313 -5.47 -5.15 10.09
N SER A 314 -6.22 -6.08 10.64
CA SER A 314 -7.63 -6.17 10.34
C SER A 314 -8.35 -4.90 10.82
N HIS A 315 -8.11 -4.52 12.07
CA HIS A 315 -8.74 -3.34 12.67
C HIS A 315 -8.29 -2.07 11.93
N LEU A 316 -7.03 -2.02 11.51
CA LEU A 316 -6.49 -0.88 10.79
C LEU A 316 -7.15 -0.71 9.42
N LEU A 317 -7.30 -1.80 8.68
CA LEU A 317 -7.93 -1.75 7.37
C LEU A 317 -9.39 -1.33 7.46
N ASP A 318 -10.07 -1.68 8.55
CA ASP A 318 -11.48 -1.30 8.74
C ASP A 318 -11.60 0.21 8.73
N ALA A 319 -10.57 0.88 9.24
CA ALA A 319 -10.55 2.34 9.28
C ALA A 319 -10.53 2.89 7.86
N PHE A 320 -9.75 2.25 6.98
CA PHE A 320 -9.68 2.69 5.58
C PHE A 320 -11.04 2.52 4.90
N LYS A 321 -11.68 1.39 5.15
CA LYS A 321 -12.99 1.10 4.57
C LYS A 321 -14.00 2.19 4.97
N SER A 322 -14.04 2.49 6.27
CA SER A 322 -14.94 3.50 6.80
C SER A 322 -14.66 4.88 6.23
N ALA A 323 -13.38 5.21 6.05
CA ALA A 323 -13.00 6.51 5.51
C ALA A 323 -13.15 6.57 4.00
N LYS A 324 -13.50 5.43 3.39
CA LYS A 324 -13.66 5.35 1.94
C LYS A 324 -12.35 5.69 1.24
N LEU A 325 -11.27 5.08 1.71
CA LEU A 325 -9.95 5.28 1.13
C LEU A 325 -9.40 3.96 0.61
N ASP A 326 -8.89 3.97 -0.62
CA ASP A 326 -8.31 2.77 -1.20
C ASP A 326 -6.97 2.59 -0.49
N VAL A 327 -6.51 1.34 -0.40
CA VAL A 327 -5.26 1.04 0.28
C VAL A 327 -4.12 0.65 -0.64
N THR A 328 -2.91 1.12 -0.33
CA THR A 328 -1.74 0.77 -1.10
C THR A 328 -0.71 0.16 -0.16
N PHE A 329 -0.21 -1.02 -0.51
CA PHE A 329 0.80 -1.67 0.31
C PHE A 329 2.09 -1.73 -0.49
N THR A 330 3.14 -2.32 0.08
CA THR A 330 4.42 -2.38 -0.60
C THR A 330 5.21 -3.65 -0.29
N CYS A 331 6.44 -3.73 -0.83
CA CYS A 331 7.31 -4.89 -0.63
C CYS A 331 6.91 -6.09 -1.49
N LEU A 332 6.10 -5.86 -2.52
CA LEU A 332 5.66 -6.96 -3.38
C LEU A 332 6.80 -7.68 -4.09
N GLU A 333 7.94 -7.03 -4.22
CA GLU A 333 9.08 -7.61 -4.92
C GLU A 333 10.00 -8.47 -4.06
N MET A 334 9.75 -8.52 -2.76
CA MET A 334 10.62 -9.28 -1.85
C MET A 334 10.17 -10.68 -1.48
N THR A 335 11.11 -11.47 -0.96
CA THR A 335 10.85 -12.86 -0.55
C THR A 335 11.04 -13.04 0.96
N ASP A 336 10.40 -14.04 1.53
CA ASP A 336 10.53 -14.31 2.96
C ASP A 336 11.94 -14.82 3.29
N LYS A 337 12.46 -14.37 4.41
CA LYS A 337 13.79 -14.78 4.88
C LYS A 337 13.55 -15.38 6.26
N GLY A 338 13.07 -14.55 7.18
CA GLY A 338 12.76 -15.00 8.53
C GLY A 338 13.93 -15.50 9.35
N SER A 339 15.14 -15.10 8.98
CA SER A 339 16.32 -15.55 9.70
C SER A 339 16.97 -14.42 10.47
N TYR A 340 17.73 -14.79 11.51
CA TYR A 340 18.45 -13.84 12.32
C TYR A 340 19.46 -13.12 11.41
N PRO A 341 19.71 -11.82 11.64
CA PRO A 341 19.12 -10.97 12.67
C PRO A 341 17.94 -10.12 12.21
N GLU A 342 17.66 -10.12 10.90
CA GLU A 342 16.58 -9.30 10.35
C GLU A 342 15.17 -9.84 10.58
N TYR A 343 15.03 -11.17 10.63
CA TYR A 343 13.72 -11.81 10.83
C TYR A 343 12.69 -11.17 9.89
N SER A 344 13.05 -11.10 8.61
CA SER A 344 12.23 -10.49 7.58
C SER A 344 11.26 -11.43 6.87
N MET A 345 9.97 -11.06 6.88
CA MET A 345 8.93 -11.86 6.24
C MET A 345 8.00 -10.97 5.41
N PRO A 346 8.56 -10.25 4.41
CA PRO A 346 7.76 -9.37 3.55
C PRO A 346 6.67 -10.05 2.75
N LYS A 347 6.96 -11.21 2.17
CA LYS A 347 5.96 -11.90 1.37
C LYS A 347 4.77 -12.36 2.22
N THR A 348 5.05 -12.98 3.37
CA THR A 348 3.99 -13.44 4.25
C THR A 348 3.15 -12.22 4.66
N LEU A 349 3.82 -11.10 4.93
CA LEU A 349 3.15 -9.87 5.32
C LEU A 349 2.20 -9.40 4.20
N VAL A 350 2.72 -9.34 2.97
CA VAL A 350 1.91 -8.93 1.83
C VAL A 350 0.67 -9.82 1.65
N GLN A 351 0.87 -11.13 1.71
CA GLN A 351 -0.25 -12.06 1.56
C GLN A 351 -1.32 -11.81 2.63
N ASN A 352 -0.89 -11.58 3.87
CA ASN A 352 -1.84 -11.33 4.95
C ASN A 352 -2.66 -10.08 4.69
N ILE A 353 -1.99 -8.99 4.32
CA ILE A 353 -2.65 -7.73 4.04
C ILE A 353 -3.66 -7.85 2.90
N ALA A 354 -3.24 -8.52 1.82
CA ALA A 354 -4.09 -8.71 0.64
C ALA A 354 -5.34 -9.51 0.98
N THR A 355 -5.16 -10.55 1.79
CA THR A 355 -6.25 -11.41 2.20
C THR A 355 -7.29 -10.60 2.95
N LEU A 356 -6.83 -9.82 3.93
CA LEU A 356 -7.71 -8.98 4.73
C LEU A 356 -8.43 -7.97 3.83
N ALA A 357 -7.67 -7.30 2.98
CA ALA A 357 -8.23 -6.30 2.07
C ALA A 357 -9.32 -6.88 1.18
N ASN A 358 -9.04 -8.03 0.58
CA ASN A 358 -10.03 -8.66 -0.29
C ASN A 358 -11.26 -9.10 0.48
N GLU A 359 -11.07 -9.60 1.70
CA GLU A 359 -12.18 -10.04 2.53
C GLU A 359 -13.12 -8.90 2.89
N LYS A 360 -12.56 -7.71 3.05
CA LYS A 360 -13.33 -6.53 3.43
C LYS A 360 -13.85 -5.72 2.23
N GLY A 361 -13.44 -6.10 1.03
CA GLY A 361 -13.88 -5.38 -0.15
C GLY A 361 -13.15 -4.06 -0.31
N ILE A 362 -11.88 -4.03 0.05
CA ILE A 362 -11.09 -2.82 -0.07
C ILE A 362 -10.21 -2.86 -1.31
N VAL A 363 -10.34 -1.84 -2.16
CA VAL A 363 -9.53 -1.78 -3.39
C VAL A 363 -8.07 -1.74 -2.96
N LEU A 364 -7.33 -2.74 -3.38
CA LEU A 364 -5.92 -2.88 -3.01
C LEU A 364 -4.91 -2.61 -4.12
N ASN A 365 -3.97 -1.70 -3.85
CA ASN A 365 -2.92 -1.36 -4.80
C ASN A 365 -1.57 -1.73 -4.20
N GLY A 366 -0.55 -1.92 -5.03
CA GLY A 366 0.77 -2.28 -4.52
C GLY A 366 1.94 -1.53 -5.10
N GLU A 367 3.10 -1.64 -4.45
CA GLU A 367 4.33 -0.98 -4.89
C GLU A 367 5.54 -1.86 -4.56
N ASN A 368 6.68 -1.55 -5.14
CA ASN A 368 7.92 -2.27 -4.83
C ASN A 368 8.58 -1.35 -3.80
N ALA A 369 9.19 -1.94 -2.77
CA ALA A 369 9.82 -1.15 -1.72
C ALA A 369 11.14 -0.50 -2.14
N LEU A 370 11.93 -1.24 -2.91
CA LEU A 370 13.24 -0.76 -3.37
C LEU A 370 13.35 -0.86 -4.89
N SER A 371 14.21 -0.03 -5.48
CA SER A 371 14.41 -0.05 -6.93
C SER A 371 14.70 -1.46 -7.40
N ILE A 372 14.06 -1.84 -8.50
CA ILE A 372 14.23 -3.17 -9.08
C ILE A 372 15.23 -3.13 -10.22
N GLY A 373 16.24 -4.00 -10.16
CA GLY A 373 17.25 -4.03 -11.20
C GLY A 373 17.21 -5.29 -12.05
N ASN A 374 16.40 -6.25 -11.65
CA ASN A 374 16.32 -7.50 -12.41
C ASN A 374 14.90 -8.00 -12.65
N GLU A 375 14.77 -8.78 -13.72
CA GLU A 375 13.48 -9.36 -14.12
C GLU A 375 12.90 -10.26 -13.02
N GLU A 376 13.77 -10.94 -12.28
CA GLU A 376 13.31 -11.83 -11.22
C GLU A 376 12.41 -11.09 -10.22
N GLU A 377 12.75 -9.84 -9.92
CA GLU A 377 11.94 -9.04 -9.00
C GLU A 377 10.59 -8.72 -9.63
N TYR A 378 10.58 -8.53 -10.95
CA TYR A 378 9.32 -8.25 -11.64
C TYR A 378 8.42 -9.47 -11.54
N LYS A 379 9.02 -10.66 -11.63
CA LYS A 379 8.25 -11.89 -11.57
C LYS A 379 7.66 -12.06 -10.17
N ARG A 380 8.37 -11.62 -9.14
CA ARG A 380 7.84 -11.75 -7.79
C ARG A 380 6.66 -10.81 -7.62
N VAL A 381 6.80 -9.60 -8.16
CA VAL A 381 5.72 -8.61 -8.07
C VAL A 381 4.50 -9.19 -8.78
N ALA A 382 4.74 -9.73 -9.98
CA ALA A 382 3.67 -10.32 -10.78
C ALA A 382 2.92 -11.38 -9.99
N GLU A 383 3.66 -12.30 -9.38
CA GLU A 383 3.07 -13.37 -8.57
C GLU A 383 2.08 -12.84 -7.54
N MET A 384 2.51 -11.84 -6.78
CA MET A 384 1.66 -11.24 -5.76
C MET A 384 0.49 -10.47 -6.34
N ALA A 385 0.77 -9.59 -7.29
CA ALA A 385 -0.26 -8.77 -7.90
C ALA A 385 -1.39 -9.56 -8.58
N PHE A 386 -1.02 -10.53 -9.40
CA PHE A 386 -2.01 -11.30 -10.14
C PHE A 386 -2.60 -12.52 -9.43
N ASN A 387 -2.10 -12.85 -8.25
CA ASN A 387 -2.65 -13.99 -7.52
C ASN A 387 -3.34 -13.55 -6.23
N TYR A 388 -3.22 -12.27 -5.90
CA TYR A 388 -3.85 -11.75 -4.71
C TYR A 388 -4.81 -10.59 -4.99
N ASN A 389 -5.30 -10.55 -6.22
CA ASN A 389 -6.29 -9.57 -6.65
C ASN A 389 -5.95 -8.07 -6.56
N PHE A 390 -4.70 -7.70 -6.78
CA PHE A 390 -4.33 -6.29 -6.72
C PHE A 390 -4.98 -5.54 -7.89
N ALA A 391 -5.56 -4.38 -7.59
CA ALA A 391 -6.22 -3.56 -8.60
C ALA A 391 -5.21 -2.69 -9.34
N GLY A 392 -3.99 -2.63 -8.80
CA GLY A 392 -2.95 -1.82 -9.43
C GLY A 392 -1.57 -1.97 -8.82
N PHE A 393 -0.55 -1.67 -9.63
CA PHE A 393 0.83 -1.73 -9.17
C PHE A 393 1.59 -0.47 -9.61
N THR A 394 2.32 0.12 -8.67
CA THR A 394 3.09 1.33 -8.93
C THR A 394 4.58 1.03 -8.83
N LEU A 395 5.31 1.27 -9.93
CA LEU A 395 6.74 1.03 -9.94
C LEU A 395 7.55 2.20 -9.42
N LEU A 396 8.43 1.92 -8.46
CA LEU A 396 9.32 2.92 -7.92
C LEU A 396 10.64 2.52 -8.57
N ARG A 397 11.25 3.39 -9.40
CA ARG A 397 10.76 4.74 -9.71
C ARG A 397 11.20 5.15 -11.14
N TYR A 398 10.49 6.14 -11.70
CA TYR A 398 10.72 6.72 -13.03
C TYR A 398 12.02 6.36 -13.76
N GLN A 399 13.14 6.90 -13.27
CA GLN A 399 14.45 6.69 -13.86
C GLN A 399 14.85 5.23 -14.10
N ASP A 400 14.45 4.34 -13.19
CA ASP A 400 14.81 2.93 -13.28
C ASP A 400 14.47 2.22 -14.59
N VAL A 401 13.35 2.58 -15.21
CA VAL A 401 12.97 1.96 -16.48
C VAL A 401 13.06 2.94 -17.64
N MET A 402 12.95 4.22 -17.35
CA MET A 402 13.01 5.23 -18.39
C MET A 402 14.40 5.26 -19.03
N TYR A 403 15.43 4.99 -18.23
CA TYR A 403 16.79 5.00 -18.74
C TYR A 403 17.40 3.59 -18.80
N ASN A 404 16.55 2.60 -19.05
CA ASN A 404 16.98 1.21 -19.17
C ASN A 404 15.98 0.48 -20.06
N ASN A 405 16.19 0.60 -21.38
CA ASN A 405 15.30 -0.03 -22.36
C ASN A 405 15.06 -1.51 -22.09
N SER A 406 16.13 -2.23 -21.78
CA SER A 406 16.05 -3.66 -21.50
C SER A 406 15.10 -3.96 -20.34
N LEU A 407 15.27 -3.23 -19.24
CA LEU A 407 14.44 -3.42 -18.07
C LEU A 407 13.00 -2.97 -18.37
N MET A 408 12.87 -1.86 -19.10
CA MET A 408 11.54 -1.36 -19.46
C MET A 408 10.79 -2.43 -20.25
N GLY A 409 11.52 -3.15 -21.09
CA GLY A 409 10.92 -4.20 -21.89
C GLY A 409 10.42 -5.35 -21.03
N LYS A 410 11.17 -5.67 -19.99
CA LYS A 410 10.76 -6.75 -19.09
C LYS A 410 9.50 -6.36 -18.35
N PHE A 411 9.44 -5.10 -17.91
CA PHE A 411 8.26 -4.63 -17.19
C PHE A 411 7.02 -4.67 -18.08
N LYS A 412 7.16 -4.20 -19.31
CA LYS A 412 6.04 -4.21 -20.22
C LYS A 412 5.49 -5.62 -20.38
N ASP A 413 6.38 -6.58 -20.56
CA ASP A 413 5.97 -7.96 -20.75
C ASP A 413 5.30 -8.57 -19.51
N LEU A 414 5.91 -8.40 -18.35
CA LEU A 414 5.39 -8.99 -17.12
C LEU A 414 4.34 -8.19 -16.34
N LEU A 415 4.48 -6.87 -16.31
CA LEU A 415 3.56 -6.04 -15.53
C LEU A 415 2.74 -4.98 -16.28
N GLY A 416 3.21 -4.53 -17.43
CA GLY A 416 2.47 -3.51 -18.16
C GLY A 416 1.39 -4.13 -19.03
N VAL A 417 0.61 -5.04 -18.46
CA VAL A 417 -0.42 -5.72 -19.22
C VAL A 417 -1.84 -5.19 -19.05
N THR A 418 -2.64 -5.42 -20.08
CA THR A 418 -4.04 -5.01 -20.08
C THR A 418 -4.90 -6.25 -19.89
N PRO A 419 -5.74 -6.27 -18.84
CA PRO A 419 -6.59 -7.43 -18.59
C PRO A 419 -7.66 -7.56 -19.67
N VAL A 420 -7.99 -8.80 -20.03
CA VAL A 420 -9.03 -9.08 -21.00
C VAL A 420 -9.70 -10.41 -20.67
N MET A 421 -11.03 -10.39 -20.56
CA MET A 421 -11.78 -11.59 -20.22
C MET A 421 -11.83 -12.52 -21.42
N GLN A 422 -11.64 -13.81 -21.17
CA GLN A 422 -11.66 -14.81 -22.23
C GLN A 422 -12.39 -16.03 -21.69
N THR A 423 -13.11 -16.72 -22.57
CA THR A 423 -13.83 -17.92 -22.16
C THR A 423 -12.98 -19.15 -22.50
N ILE A 424 -12.70 -19.96 -21.48
CA ILE A 424 -11.91 -21.17 -21.65
C ILE A 424 -12.82 -22.40 -21.63
N VAL A 425 -12.74 -23.21 -22.68
CA VAL A 425 -13.57 -24.41 -22.79
C VAL A 425 -12.72 -25.67 -22.97
N VAL A 426 -12.96 -26.65 -22.08
CA VAL A 426 -12.24 -27.91 -22.13
C VAL A 426 -13.25 -29.05 -22.21
N LYS A 427 -13.13 -29.86 -23.26
CA LYS A 427 -14.05 -30.98 -23.48
C LYS A 427 -13.47 -32.34 -23.15
N ASN A 428 -14.37 -33.31 -23.04
CA ASN A 428 -14.02 -34.70 -22.75
C ASN A 428 -13.19 -34.88 -21.49
N VAL A 429 -13.59 -34.22 -20.41
CA VAL A 429 -12.87 -34.33 -19.14
C VAL A 429 -13.42 -35.53 -18.36
N PRO A 430 -12.54 -36.49 -18.00
CA PRO A 430 -12.94 -37.69 -17.25
C PRO A 430 -13.13 -37.47 -15.75
N THR A 431 -14.09 -36.64 -15.39
CA THR A 431 -14.35 -36.38 -13.98
C THR A 431 -15.35 -37.38 -13.41
N THR A 432 -15.30 -37.58 -12.10
CA THR A 432 -16.25 -38.46 -11.43
C THR A 432 -16.98 -37.60 -10.43
N ILE A 433 -17.91 -38.20 -9.69
CA ILE A 433 -18.67 -37.44 -8.70
C ILE A 433 -17.71 -36.82 -7.68
N GLY A 434 -17.86 -35.53 -7.42
CA GLY A 434 -17.03 -34.87 -6.45
C GLY A 434 -15.80 -34.14 -6.99
N ASP A 435 -15.36 -34.48 -8.19
CA ASP A 435 -14.20 -33.83 -8.79
C ASP A 435 -14.49 -32.40 -9.25
N THR A 436 -13.43 -31.60 -9.33
CA THR A 436 -13.54 -30.23 -9.80
C THR A 436 -12.41 -30.05 -10.82
N VAL A 437 -12.58 -29.10 -11.74
CA VAL A 437 -11.59 -28.86 -12.77
C VAL A 437 -11.03 -27.44 -12.66
N TYR A 438 -9.73 -27.32 -12.91
CA TYR A 438 -9.04 -26.02 -12.86
C TYR A 438 -8.06 -25.95 -14.00
N ILE A 439 -7.51 -24.77 -14.23
CA ILE A 439 -6.48 -24.60 -15.23
C ILE A 439 -5.35 -23.87 -14.51
N THR A 440 -4.12 -24.11 -14.95
CA THR A 440 -2.96 -23.46 -14.36
C THR A 440 -1.99 -23.26 -15.53
N GLY A 441 -1.22 -22.18 -15.50
CA GLY A 441 -0.30 -21.90 -16.60
C GLY A 441 1.02 -21.27 -16.22
N ASN A 442 1.85 -21.03 -17.24
CA ASN A 442 3.18 -20.46 -17.01
C ASN A 442 3.26 -19.09 -16.37
N ARG A 443 2.54 -18.12 -16.90
CA ARG A 443 2.57 -16.76 -16.35
C ARG A 443 1.91 -16.63 -14.98
N ALA A 444 2.32 -15.59 -14.25
CA ALA A 444 1.77 -15.31 -12.92
C ALA A 444 0.25 -15.20 -12.99
N GLU A 445 -0.26 -14.65 -14.08
CA GLU A 445 -1.70 -14.49 -14.24
C GLU A 445 -2.39 -15.86 -14.25
N LEU A 446 -1.61 -16.93 -14.40
CA LEU A 446 -2.18 -18.27 -14.42
C LEU A 446 -1.68 -19.13 -13.24
N GLY A 447 -1.17 -18.47 -12.20
CA GLY A 447 -0.68 -19.20 -11.04
C GLY A 447 0.68 -19.87 -11.20
N SER A 448 1.33 -19.63 -12.33
CA SER A 448 2.65 -20.20 -12.60
C SER A 448 2.78 -21.68 -12.30
N TRP A 449 1.84 -22.47 -12.84
CA TRP A 449 1.82 -23.91 -12.66
C TRP A 449 1.52 -24.40 -11.26
N ASP A 450 1.05 -23.51 -10.37
CA ASP A 450 0.72 -23.91 -9.01
C ASP A 450 -0.67 -24.54 -9.00
N THR A 451 -0.79 -25.76 -8.48
CA THR A 451 -2.09 -26.41 -8.42
C THR A 451 -2.67 -26.40 -7.02
N LYS A 452 -1.83 -26.08 -6.04
CA LYS A 452 -2.26 -26.06 -4.64
C LYS A 452 -2.99 -24.78 -4.22
N GLN A 453 -2.40 -23.63 -4.50
CA GLN A 453 -3.00 -22.36 -4.09
C GLN A 453 -3.50 -21.38 -5.17
N TYR A 454 -2.83 -21.33 -6.32
CA TYR A 454 -3.22 -20.39 -7.37
C TYR A 454 -4.01 -20.87 -8.60
N PRO A 455 -4.49 -22.13 -8.62
CA PRO A 455 -5.23 -22.52 -9.82
C PRO A 455 -6.55 -21.78 -10.03
N ILE A 456 -6.97 -21.67 -11.29
CA ILE A 456 -8.20 -20.99 -11.66
C ILE A 456 -9.28 -22.05 -11.93
N GLN A 457 -10.42 -21.91 -11.27
CA GLN A 457 -11.49 -22.88 -11.41
C GLN A 457 -12.40 -22.78 -12.63
N LEU A 458 -12.78 -23.95 -13.16
CA LEU A 458 -13.70 -24.06 -14.30
C LEU A 458 -15.00 -24.66 -13.77
N TYR A 459 -16.06 -24.56 -14.55
CA TYR A 459 -17.36 -25.07 -14.14
C TYR A 459 -18.01 -25.99 -15.15
N TYR A 460 -18.59 -27.09 -14.65
CA TYR A 460 -19.25 -28.04 -15.52
C TYR A 460 -20.47 -27.44 -16.21
N ASP A 461 -20.61 -27.74 -17.48
CA ASP A 461 -21.72 -27.27 -18.30
C ASP A 461 -22.50 -28.53 -18.68
N SER A 462 -23.57 -28.81 -17.93
CA SER A 462 -24.39 -29.98 -18.16
C SER A 462 -25.04 -30.05 -19.54
N HIS A 463 -25.23 -28.90 -20.18
CA HIS A 463 -25.86 -28.86 -21.49
C HIS A 463 -24.94 -29.34 -22.61
N SER A 464 -23.67 -28.94 -22.55
CA SER A 464 -22.71 -29.34 -23.59
C SER A 464 -21.75 -30.43 -23.12
N ASN A 465 -21.84 -30.79 -21.83
CA ASN A 465 -20.99 -31.81 -21.25
C ASN A 465 -19.50 -31.49 -21.23
N ASP A 466 -19.16 -30.21 -21.05
CA ASP A 466 -17.76 -29.81 -20.97
C ASP A 466 -17.57 -28.85 -19.78
N TRP A 467 -16.34 -28.41 -19.56
CA TRP A 467 -16.07 -27.49 -18.46
C TRP A 467 -15.67 -26.12 -19.00
N ARG A 468 -16.28 -25.07 -18.45
CA ARG A 468 -16.02 -23.70 -18.90
C ARG A 468 -15.80 -22.70 -17.77
N GLY A 469 -15.20 -21.57 -18.14
CA GLY A 469 -14.95 -20.52 -17.17
C GLY A 469 -14.44 -19.25 -17.83
N ASN A 470 -14.92 -18.11 -17.36
CA ASN A 470 -14.49 -16.81 -17.88
C ASN A 470 -13.27 -16.43 -17.04
N VAL A 471 -12.11 -16.39 -17.70
CA VAL A 471 -10.85 -16.07 -17.02
C VAL A 471 -10.21 -14.79 -17.52
N VAL A 472 -9.69 -13.98 -16.60
CA VAL A 472 -9.04 -12.73 -16.97
C VAL A 472 -7.58 -13.03 -17.31
N LEU A 473 -7.16 -12.61 -18.50
CA LEU A 473 -5.80 -12.88 -18.98
C LEU A 473 -5.10 -11.64 -19.49
N PRO A 474 -3.75 -11.70 -19.63
CA PRO A 474 -2.98 -10.57 -20.13
C PRO A 474 -3.08 -10.48 -21.66
N ALA A 475 -3.67 -9.40 -22.14
CA ALA A 475 -3.85 -9.19 -23.57
C ALA A 475 -2.52 -9.10 -24.32
N GLU A 476 -2.47 -9.71 -25.49
CA GLU A 476 -1.29 -9.69 -26.33
C GLU A 476 -0.02 -10.28 -25.71
N ARG A 477 -0.19 -11.35 -24.94
CA ARG A 477 0.94 -12.05 -24.32
C ARG A 477 0.77 -13.54 -24.57
N ASN A 478 1.87 -14.23 -24.86
CA ASN A 478 1.82 -15.67 -25.11
C ASN A 478 1.68 -16.41 -23.78
N ILE A 479 0.89 -17.46 -23.78
CA ILE A 479 0.69 -18.25 -22.57
C ILE A 479 0.59 -19.73 -22.91
N GLU A 480 0.90 -20.54 -21.91
CA GLU A 480 0.80 -21.99 -22.01
C GLU A 480 0.02 -22.37 -20.77
N PHE A 481 -0.83 -23.38 -20.88
CA PHE A 481 -1.62 -23.82 -19.74
C PHE A 481 -2.12 -25.24 -19.93
N LYS A 482 -2.77 -25.74 -18.88
CA LYS A 482 -3.33 -27.08 -18.87
C LYS A 482 -4.44 -27.17 -17.85
N ALA A 483 -5.47 -27.93 -18.17
CA ALA A 483 -6.57 -28.13 -17.24
C ALA A 483 -6.20 -29.37 -16.44
N PHE A 484 -6.66 -29.45 -15.21
CA PHE A 484 -6.40 -30.61 -14.38
C PHE A 484 -7.58 -30.86 -13.46
N ILE A 485 -7.60 -32.04 -12.86
CA ILE A 485 -8.69 -32.44 -11.97
C ILE A 485 -8.26 -32.61 -10.53
N LYS A 486 -9.13 -32.16 -9.61
CA LYS A 486 -8.90 -32.30 -8.18
C LYS A 486 -10.03 -33.16 -7.62
N SER A 487 -9.69 -34.13 -6.77
CA SER A 487 -10.71 -34.99 -6.17
C SER A 487 -11.45 -34.19 -5.11
N LYS A 488 -12.40 -34.83 -4.44
CA LYS A 488 -13.16 -34.15 -3.38
C LYS A 488 -12.22 -33.59 -2.32
N ASP A 489 -11.23 -34.38 -1.92
CA ASP A 489 -10.29 -33.93 -0.89
C ASP A 489 -9.10 -33.13 -1.43
N GLY A 490 -9.33 -32.42 -2.54
CA GLY A 490 -8.31 -31.58 -3.13
C GLY A 490 -7.04 -32.20 -3.67
N THR A 491 -7.02 -33.51 -3.87
CA THR A 491 -5.83 -34.16 -4.41
C THR A 491 -5.87 -34.08 -5.93
N VAL A 492 -4.77 -33.68 -6.55
CA VAL A 492 -4.71 -33.59 -8.02
C VAL A 492 -4.68 -35.01 -8.57
N LYS A 493 -5.69 -35.38 -9.35
CA LYS A 493 -5.76 -36.74 -9.89
C LYS A 493 -5.15 -36.95 -11.26
N SER A 494 -5.35 -36.01 -12.17
CA SER A 494 -4.82 -36.14 -13.53
C SER A 494 -4.76 -34.80 -14.25
N TRP A 495 -4.04 -34.79 -15.36
CA TRP A 495 -3.86 -33.59 -16.17
C TRP A 495 -4.34 -33.75 -17.61
N GLN A 496 -4.60 -32.61 -18.26
CA GLN A 496 -5.03 -32.60 -19.64
C GLN A 496 -3.89 -33.25 -20.46
N THR A 497 -4.26 -33.94 -21.53
CA THR A 497 -3.29 -34.63 -22.38
C THR A 497 -2.18 -33.74 -22.93
N ILE A 498 -2.53 -32.81 -23.81
CA ILE A 498 -1.52 -31.92 -24.39
C ILE A 498 -1.54 -30.52 -23.81
N GLN A 499 -0.36 -29.92 -23.72
CA GLN A 499 -0.19 -28.58 -23.20
C GLN A 499 -0.83 -27.60 -24.16
N GLN A 500 -1.74 -26.78 -23.64
CA GLN A 500 -2.40 -25.79 -24.46
C GLN A 500 -1.64 -24.48 -24.47
N SER A 501 -1.97 -23.60 -25.40
CA SER A 501 -1.32 -22.30 -25.51
C SER A 501 -2.16 -21.32 -26.32
N TRP A 502 -1.81 -20.05 -26.21
CA TRP A 502 -2.46 -18.96 -26.92
C TRP A 502 -1.33 -17.99 -27.21
N ASN A 503 -0.96 -17.89 -28.49
CA ASN A 503 0.14 -17.05 -28.90
C ASN A 503 -0.23 -15.94 -29.88
N PRO A 504 -0.65 -14.77 -29.37
CA PRO A 504 -0.81 -14.42 -27.96
C PRO A 504 -2.29 -14.42 -27.60
N VAL A 505 -2.59 -14.07 -26.35
CA VAL A 505 -3.98 -13.99 -25.92
C VAL A 505 -4.51 -12.85 -26.78
N PRO A 506 -5.68 -13.04 -27.41
CA PRO A 506 -6.29 -12.02 -28.27
C PRO A 506 -6.64 -10.74 -27.51
N LEU A 507 -6.62 -9.62 -28.22
CA LEU A 507 -6.95 -8.34 -27.62
C LEU A 507 -8.47 -8.28 -27.32
N LYS A 508 -9.26 -8.90 -28.18
CA LYS A 508 -10.71 -8.91 -28.00
C LYS A 508 -11.20 -10.18 -27.33
N THR A 509 -12.24 -10.05 -26.52
CA THR A 509 -12.80 -11.19 -25.81
C THR A 509 -13.33 -12.23 -26.80
N THR A 510 -12.93 -13.48 -26.62
CA THR A 510 -13.35 -14.57 -27.49
C THR A 510 -13.30 -15.86 -26.65
N SER A 511 -12.95 -16.99 -27.27
CA SER A 511 -12.87 -18.24 -26.52
C SER A 511 -11.76 -19.15 -27.01
N HIS A 512 -11.28 -20.00 -26.12
CA HIS A 512 -10.24 -20.98 -26.45
C HIS A 512 -10.82 -22.33 -26.03
N THR A 513 -11.03 -23.19 -27.02
CA THR A 513 -11.60 -24.51 -26.77
C THR A 513 -10.60 -25.60 -27.08
N SER A 514 -10.42 -26.52 -26.14
CA SER A 514 -9.50 -27.63 -26.33
C SER A 514 -10.09 -28.90 -25.74
N SER A 515 -9.46 -30.03 -26.04
CA SER A 515 -9.93 -31.29 -25.52
C SER A 515 -8.96 -31.82 -24.47
N TRP A 516 -9.52 -32.45 -23.43
CA TRP A 516 -8.72 -33.02 -22.37
C TRP A 516 -7.87 -34.13 -22.96
C1 GLC B . 19.76 -0.14 1.46
C2 GLC B . 19.40 -1.62 1.68
C3 GLC B . 17.89 -1.74 1.87
C4 GLC B . 17.43 -0.85 3.01
C5 GLC B . 17.90 0.60 2.77
C6 GLC B . 17.58 1.52 3.93
O1 GLC B . 21.14 0.00 1.34
O2 GLC B . 19.81 -2.38 0.55
O3 GLC B . 17.54 -3.08 2.13
O4 GLC B . 15.99 -0.88 3.10
O5 GLC B . 19.34 0.63 2.58
O6 GLC B . 18.21 1.06 5.12
C1 GLC B . 15.48 -1.49 4.24
C2 GLC B . 14.37 -2.46 3.83
C3 GLC B . 13.18 -1.69 3.26
C4 GLC B . 12.70 -0.64 4.26
C5 GLC B . 13.87 0.27 4.66
C6 GLC B . 13.51 1.28 5.73
O2 GLC B . 14.87 -3.36 2.86
O3 GLC B . 12.12 -2.60 2.97
O4 GLC B . 11.63 0.14 3.68
O5 GLC B . 14.95 -0.54 5.17
O6 GLC B . 14.37 2.41 5.68
C1 GLC B . 10.53 0.31 4.53
C2 GLC B . 9.28 -0.32 3.90
C3 GLC B . 8.76 0.52 2.73
C4 GLC B . 8.58 1.99 3.19
C5 GLC B . 9.89 2.51 3.78
C6 GLC B . 9.80 3.95 4.32
O2 GLC B . 9.57 -1.64 3.45
O3 GLC B . 7.51 0.01 2.32
O4 GLC B . 8.13 2.89 2.14
O5 GLC B . 10.29 1.67 4.88
O6 GLC B . 8.57 4.18 4.97
C1 GLC B . 7.97 2.45 0.80
C2 GLC B . 9.23 2.77 0.00
C3 GLC B . 9.49 4.29 0.04
C4 GLC B . 8.26 5.08 -0.46
C5 GLC B . 6.98 4.58 0.25
C6 GLC B . 5.68 5.14 -0.35
O2 GLC B . 10.34 2.08 0.53
O3 GLC B . 10.63 4.61 -0.74
O4 GLC B . 8.44 6.49 -0.14
O5 GLC B . 6.88 3.14 0.19
O6 GLC B . 5.64 4.97 -1.76
C1 GLC B . 9.06 7.31 -1.10
C2 GLC B . 9.44 8.66 -0.46
C3 GLC B . 8.15 9.43 -0.08
C4 GLC B . 7.26 9.60 -1.33
C5 GLC B . 6.99 8.24 -1.97
C6 GLC B . 6.23 8.36 -3.29
O2 GLC B . 10.23 8.44 0.70
O3 GLC B . 8.47 10.71 0.45
O4 GLC B . 6.03 10.20 -0.94
O5 GLC B . 8.23 7.55 -2.25
O6 GLC B . 6.98 9.06 -4.26
C1 GLC C . 10.83 -5.37 38.21
C2 GLC C . 11.70 -5.99 37.11
C3 GLC C . 10.87 -6.22 35.84
C4 GLC C . 9.58 -6.99 36.16
C5 GLC C . 8.84 -6.34 37.35
C6 GLC C . 7.64 -7.17 37.79
O1 GLC C . 10.33 -4.14 37.77
O2 GLC C . 12.77 -5.12 36.81
O3 GLC C . 11.63 -6.95 34.89
O4 GLC C . 8.75 -6.96 35.02
O5 GLC C . 9.71 -6.23 38.48
O6 GLC C . 8.02 -8.52 38.03
C1 GLC C . 8.03 -8.01 34.09
C2 GLC C . 8.14 -7.78 32.58
C3 GLC C . 7.61 -6.39 32.20
C4 GLC C . 6.21 -6.19 32.75
C5 GLC C . 6.20 -6.42 34.25
C6 GLC C . 4.79 -6.36 34.82
O2 GLC C . 9.50 -7.87 32.18
O3 GLC C . 7.59 -6.24 30.79
O4 GLC C . 5.76 -4.85 32.45
O5 GLC C . 6.71 -7.74 34.57
O6 GLC C . 4.07 -7.54 34.51
C1 GLC C . 4.64 -4.76 31.62
C2 GLC C . 4.95 -3.83 30.45
C3 GLC C . 5.23 -2.42 30.98
C4 GLC C . 4.07 -1.93 31.87
C5 GLC C . 3.68 -2.98 32.92
C6 GLC C . 2.38 -2.64 33.62
O2 GLC C . 6.07 -4.30 29.73
O3 GLC C . 5.40 -1.51 29.89
O4 GLC C . 4.46 -0.72 32.55
O5 GLC C . 3.51 -4.28 32.32
O6 GLC C . 1.92 -3.73 34.39
C1 GLC C . 4.12 0.46 31.88
C2 GLC C . 5.15 1.54 32.21
C3 GLC C . 5.00 1.98 33.67
C4 GLC C . 3.56 2.43 33.93
C5 GLC C . 2.60 1.29 33.57
C6 GLC C . 1.14 1.68 33.71
O2 GLC C . 6.46 1.05 31.98
O3 GLC C . 5.89 3.05 33.94
O4 GLC C . 3.41 2.78 35.30
O5 GLC C . 2.80 0.90 32.20
O6 GLC C . 0.77 2.62 32.72
C1 GLC D . 2.13 -34.11 -15.20
C2 GLC D . 1.44 -33.26 -16.27
C3 GLC D . 2.31 -32.04 -16.66
C4 GLC D . 2.71 -31.26 -15.41
C5 GLC D . 3.41 -32.23 -14.46
C6 GLC D . 3.95 -31.63 -13.16
O1 GLC D . 3.28 -34.68 -15.73
O2 GLC D . 1.20 -34.05 -17.43
O3 GLC D . 1.62 -31.21 -17.57
O4 GLC D . 3.59 -30.17 -15.77
O5 GLC D . 2.51 -33.29 -14.08
O6 GLC D . 3.13 -30.55 -12.74
C1 GLC D . 3.05 -28.88 -15.71
C2 GLC D . 3.24 -28.19 -17.05
C3 GLC D . 4.73 -27.98 -17.33
C4 GLC D . 5.40 -27.20 -16.18
C5 GLC D . 5.08 -27.89 -14.84
C6 GLC D . 5.56 -27.11 -13.63
O2 GLC D . 2.67 -28.98 -18.08
O3 GLC D . 4.89 -27.27 -18.55
O4 GLC D . 6.83 -27.22 -16.37
O5 GLC D . 3.65 -28.07 -14.69
O6 GLC D . 5.15 -27.73 -12.43
C1 GLC D . 7.44 -26.04 -16.87
C2 GLC D . 8.66 -26.43 -17.71
C3 GLC D . 9.73 -27.04 -16.79
C4 GLC D . 10.10 -26.02 -15.72
C5 GLC D . 8.85 -25.60 -14.93
C6 GLC D . 9.17 -24.46 -13.98
O2 GLC D . 8.28 -27.39 -18.70
O3 GLC D . 10.89 -27.38 -17.55
O4 GLC D . 11.06 -26.60 -14.83
O5 GLC D . 7.82 -25.12 -15.84
O6 GLC D . 8.50 -24.63 -12.74
C1 GLC E . 18.48 -5.79 15.91
C2 GLC E . 17.33 -5.43 16.88
C3 GLC E . 17.47 -6.25 18.16
C4 GLC E . 17.50 -7.74 17.82
C5 GLC E . 18.63 -8.01 16.83
C6 GLC E . 18.66 -9.46 16.38
O1 GLC E . 19.69 -5.45 16.47
O2 GLC E . 17.37 -4.04 17.19
O3 GLC E . 16.40 -5.96 19.06
O4 GLC E . 17.71 -8.50 19.03
O5 GLC E . 18.48 -7.20 15.65
O6 GLC E . 17.36 -9.91 16.02
C1 GLC E . 16.58 -9.08 19.62
C2 GLC E . 16.72 -9.01 21.15
C3 GLC E . 17.89 -9.92 21.60
C4 GLC E . 17.66 -11.34 21.10
C5 GLC E . 17.49 -11.33 19.58
C6 GLC E . 17.16 -12.69 19.00
O2 GLC E . 16.96 -7.68 21.56
O3 GLC E . 17.98 -9.92 23.01
O4 GLC E . 18.76 -12.16 21.45
O5 GLC E . 16.40 -10.43 19.21
O6 GLC E . 15.84 -13.09 19.33
CA CA F . -3.33 26.87 6.07
S SO4 G . 19.78 -1.25 -23.28
O1 SO4 G . 19.46 0.06 -23.92
O2 SO4 G . 19.28 -2.35 -24.15
O3 SO4 G . 19.12 -1.34 -21.96
O4 SO4 G . 21.25 -1.38 -23.11
C ACY H . 1.56 10.14 19.38
O ACY H . 0.72 10.42 18.43
OXT ACY H . 2.45 10.92 19.87
CH3 ACY H . 1.42 8.73 19.93
#